data_6ZZJ
#
_entry.id   6ZZJ
#
_cell.length_a   73.739
_cell.length_b   73.739
_cell.length_c   192.186
_cell.angle_alpha   90
_cell.angle_beta   90
_cell.angle_gamma   120
#
_symmetry.space_group_name_H-M   'P 63 2 2'
#
loop_
_entity.id
_entity.type
_entity.pdbx_description
1 polymer 'Dihydrolipoyllysine-residue acetyltransferase component of pyruvate dehydrogenase complex'
2 non-polymer 'OXIDIZED COENZYME A'
3 non-polymer '4-(2-HYDROXYETHYL)-1-PIPERAZINE ETHANESULFONIC ACID'
4 water water
#
_entity_poly.entity_id   1
_entity_poly.type   'polypeptide(L)'
_entity_poly.pdbx_seq_one_letter_code
;GSLRGTTQKVNRIREITAMKTVEALQISAQLTQLHEVDMTRVAELRKKNKPAFIEKHGVNLTYLPFFVKAVVEALVSHPN
VNASFNAKTKEMTYHSSVNLSIAVDTPAGLLTPVIHDAQDLSIPEIAKAIVDLADRSRNNKLKPNDLSGGTFTITNIGSE
GALSDTPILVPPQAGILGTGAIVKRPVVITEDGIDSIAIRQMVFLPLTYDHQVVDGADAGRFLTTIKDRLETANFEGDLQ
L
;
_entity_poly.pdbx_strand_id   A
#
loop_
_chem_comp.id
_chem_comp.type
_chem_comp.name
_chem_comp.formula
CAO non-polymer 'OXIDIZED COENZYME A' 'C21 H36 N7 O17 P3 S'
EPE non-polymer '4-(2-HYDROXYETHYL)-1-PIPERAZINE ETHANESULFONIC ACID' 'C8 H18 N2 O4 S'
#
# COMPACT_ATOMS: atom_id res chain seq x y z
N SER A 2 28.63 -6.46 -16.63
CA SER A 2 29.05 -5.36 -15.76
C SER A 2 28.64 -4.02 -16.38
N LEU A 3 28.11 -3.09 -15.56
CA LEU A 3 27.57 -1.84 -16.08
C LEU A 3 28.51 -0.66 -16.09
N ARG A 4 29.35 -0.52 -15.05
CA ARG A 4 30.29 0.58 -14.91
CA ARG A 4 30.31 0.57 -14.89
C ARG A 4 31.13 0.81 -16.18
N GLY A 5 31.11 2.04 -16.68
CA GLY A 5 31.87 2.42 -17.86
C GLY A 5 31.23 2.08 -19.20
N THR A 6 29.91 1.81 -19.20
CA THR A 6 29.21 1.52 -20.45
C THR A 6 28.01 2.45 -20.63
N THR A 7 27.48 2.50 -21.87
CA THR A 7 26.24 3.19 -22.24
C THR A 7 25.37 2.11 -22.91
N GLN A 8 24.18 1.81 -22.32
CA GLN A 8 23.34 0.71 -22.82
C GLN A 8 21.86 1.09 -22.88
N LYS A 9 21.10 0.55 -23.85
CA LYS A 9 19.66 0.84 -23.92
C LYS A 9 18.97 0.21 -22.71
N VAL A 10 18.06 0.98 -22.07
CA VAL A 10 17.34 0.47 -20.89
C VAL A 10 16.31 -0.58 -21.34
N ASN A 11 15.98 -1.49 -20.42
CA ASN A 11 15.03 -2.55 -20.76
C ASN A 11 13.59 -1.99 -20.88
N ARG A 12 12.67 -2.82 -21.39
CA ARG A 12 11.32 -2.36 -21.66
C ARG A 12 10.58 -1.92 -20.43
N ILE A 13 10.79 -2.59 -19.28
CA ILE A 13 10.08 -2.18 -18.06
C ILE A 13 10.52 -0.81 -17.62
N ARG A 14 11.83 -0.59 -17.63
CA ARG A 14 12.38 0.67 -17.15
C ARG A 14 12.08 1.83 -18.14
N GLU A 15 11.96 1.53 -19.47
CA GLU A 15 11.59 2.60 -20.40
C GLU A 15 10.17 3.14 -20.09
N ILE A 16 9.22 2.22 -19.87
CA ILE A 16 7.86 2.63 -19.55
C ILE A 16 7.79 3.34 -18.22
N THR A 17 8.53 2.84 -17.22
CA THR A 17 8.56 3.51 -15.89
C THR A 17 9.09 4.93 -16.01
N ALA A 18 10.18 5.13 -16.78
CA ALA A 18 10.74 6.47 -16.92
C ALA A 18 9.74 7.42 -17.56
N MET A 19 9.05 6.98 -18.64
CA MET A 19 8.10 7.89 -19.30
C MET A 19 6.87 8.15 -18.45
N LYS A 20 6.31 7.10 -17.84
CA LYS A 20 5.08 7.24 -17.07
C LYS A 20 5.26 8.12 -15.83
N THR A 21 6.38 7.96 -15.10
CA THR A 21 6.59 8.74 -13.88
C THR A 21 6.86 10.21 -14.15
N VAL A 22 7.60 10.52 -15.23
CA VAL A 22 7.86 11.93 -15.58
C VAL A 22 6.54 12.61 -15.93
N GLU A 23 5.74 11.95 -16.78
CA GLU A 23 4.47 12.52 -17.19
C GLU A 23 3.50 12.64 -15.99
N ALA A 24 3.44 11.62 -15.12
CA ALA A 24 2.47 11.61 -14.03
C ALA A 24 2.56 12.88 -13.16
N LEU A 25 3.80 13.31 -12.84
CA LEU A 25 4.00 14.50 -12.01
C LEU A 25 3.54 15.78 -12.69
N GLN A 26 3.61 15.83 -14.03
CA GLN A 26 3.24 17.04 -14.77
C GLN A 26 1.73 17.21 -14.94
N ILE A 27 0.94 16.13 -14.78
CA ILE A 27 -0.51 16.17 -14.99
C ILE A 27 -1.33 15.97 -13.70
N SER A 28 -0.67 16.15 -12.55
CA SER A 28 -1.33 16.01 -11.27
C SER A 28 -0.68 16.99 -10.30
N ALA A 29 -1.24 17.09 -9.07
CA ALA A 29 -0.71 17.98 -8.03
C ALA A 29 -0.34 17.09 -6.83
N GLN A 30 0.83 16.43 -6.88
CA GLN A 30 1.18 15.46 -5.86
C GLN A 30 1.77 16.04 -4.62
N LEU A 31 1.34 15.49 -3.47
CA LEU A 31 1.92 15.82 -2.19
C LEU A 31 1.82 14.61 -1.27
N THR A 32 2.69 14.52 -0.26
CA THR A 32 2.74 13.31 0.57
C THR A 32 2.55 13.60 2.05
N GLN A 33 1.43 13.14 2.60
CA GLN A 33 1.11 13.34 4.01
C GLN A 33 1.53 12.11 4.80
N LEU A 34 2.06 12.31 6.00
CA LEU A 34 2.62 11.21 6.76
C LEU A 34 1.99 11.07 8.12
N HIS A 35 1.52 9.85 8.41
CA HIS A 35 0.99 9.54 9.74
C HIS A 35 1.82 8.40 10.34
N GLU A 36 1.81 8.29 11.67
CA GLU A 36 2.48 7.17 12.34
C GLU A 36 1.40 6.25 12.95
N VAL A 37 1.64 4.93 12.91
CA VAL A 37 0.65 3.96 13.37
C VAL A 37 1.34 2.94 14.26
N ASP A 38 0.70 2.58 15.36
CA ASP A 38 1.20 1.57 16.29
C ASP A 38 0.74 0.19 15.82
N MET A 39 1.66 -0.56 15.22
CA MET A 39 1.46 -1.89 14.66
C MET A 39 1.71 -3.01 15.70
N THR A 40 1.86 -2.69 17.00
CA THR A 40 2.19 -3.73 17.97
C THR A 40 1.17 -4.85 18.03
N ARG A 41 -0.12 -4.50 18.09
CA ARG A 41 -1.15 -5.54 18.18
C ARG A 41 -1.17 -6.42 16.92
N VAL A 42 -1.01 -5.80 15.73
CA VAL A 42 -0.95 -6.60 14.50
C VAL A 42 0.29 -7.51 14.54
N ALA A 43 1.45 -6.98 14.97
CA ALA A 43 2.66 -7.79 15.02
C ALA A 43 2.52 -8.99 15.96
N GLU A 44 1.81 -8.80 17.09
CA GLU A 44 1.58 -9.87 18.07
C GLU A 44 0.66 -10.91 17.49
N LEU A 45 -0.41 -10.47 16.84
CA LEU A 45 -1.38 -11.36 16.19
C LEU A 45 -0.71 -12.17 15.06
N ARG A 46 0.16 -11.54 14.27
CA ARG A 46 0.88 -12.18 13.17
C ARG A 46 1.85 -13.25 13.69
N LYS A 47 2.65 -12.92 14.73
CA LYS A 47 3.60 -13.87 15.32
C LYS A 47 2.87 -15.07 15.91
N LYS A 48 1.77 -14.81 16.61
CA LYS A 48 1.00 -15.88 17.22
C LYS A 48 0.40 -16.83 16.16
N ASN A 49 -0.13 -16.27 15.08
CA ASN A 49 -0.85 -17.06 14.10
C ASN A 49 -0.07 -17.46 12.84
N LYS A 50 1.19 -17.04 12.68
CA LYS A 50 2.00 -17.40 11.51
C LYS A 50 2.00 -18.92 11.20
N PRO A 51 2.29 -19.81 12.18
CA PRO A 51 2.31 -21.24 11.87
C PRO A 51 0.96 -21.78 11.42
N ALA A 52 -0.14 -21.42 12.11
CA ALA A 52 -1.46 -21.89 11.70
C ALA A 52 -1.89 -21.34 10.34
N PHE A 53 -1.45 -20.11 10.01
CA PHE A 53 -1.82 -19.51 8.75
C PHE A 53 -1.13 -20.21 7.57
N ILE A 54 0.20 -20.44 7.67
CA ILE A 54 0.92 -21.11 6.60
C ILE A 54 0.44 -22.57 6.45
N GLU A 55 -0.02 -23.20 7.54
CA GLU A 55 -0.53 -24.56 7.52
C GLU A 55 -1.89 -24.65 6.80
N LYS A 56 -2.80 -23.71 7.07
CA LYS A 56 -4.12 -23.72 6.49
C LYS A 56 -4.21 -23.09 5.08
N HIS A 57 -3.50 -21.97 4.87
CA HIS A 57 -3.59 -21.22 3.61
C HIS A 57 -2.41 -21.38 2.64
N GLY A 58 -1.33 -22.02 3.07
CA GLY A 58 -0.20 -22.29 2.18
C GLY A 58 0.77 -21.16 1.86
N VAL A 59 0.58 -19.98 2.48
CA VAL A 59 1.50 -18.86 2.24
C VAL A 59 1.89 -18.25 3.58
N ASN A 60 3.08 -17.64 3.62
CA ASN A 60 3.54 -16.96 4.82
C ASN A 60 2.64 -15.73 5.08
N LEU A 61 2.31 -15.44 6.33
CA LEU A 61 1.50 -14.28 6.68
C LEU A 61 2.44 -13.11 6.97
N THR A 62 2.45 -12.10 6.11
CA THR A 62 3.29 -10.92 6.32
C THR A 62 2.38 -9.76 6.84
N TYR A 63 2.94 -8.53 6.95
CA TYR A 63 2.11 -7.42 7.37
C TYR A 63 1.23 -6.92 6.23
N LEU A 64 1.69 -7.08 4.97
CA LEU A 64 1.00 -6.51 3.83
C LEU A 64 -0.49 -6.86 3.73
N PRO A 65 -0.97 -8.10 4.00
CA PRO A 65 -2.42 -8.34 3.94
C PRO A 65 -3.25 -7.55 4.96
N PHE A 66 -2.65 -7.22 6.14
CA PHE A 66 -3.34 -6.39 7.12
C PHE A 66 -3.47 -4.96 6.59
N PHE A 67 -2.38 -4.43 6.03
CA PHE A 67 -2.43 -3.08 5.42
C PHE A 67 -3.45 -3.07 4.27
N VAL A 68 -3.46 -4.10 3.43
CA VAL A 68 -4.40 -4.16 2.31
C VAL A 68 -5.84 -4.19 2.83
N LYS A 69 -6.13 -5.05 3.83
CA LYS A 69 -7.50 -5.11 4.35
C LYS A 69 -7.98 -3.74 4.87
N ALA A 70 -7.13 -3.07 5.68
CA ALA A 70 -7.53 -1.77 6.24
C ALA A 70 -7.68 -0.72 5.15
N VAL A 71 -6.74 -0.67 4.20
CA VAL A 71 -6.80 0.33 3.13
C VAL A 71 -8.02 0.12 2.24
N VAL A 72 -8.30 -1.13 1.88
CA VAL A 72 -9.44 -1.41 1.02
C VAL A 72 -10.76 -1.03 1.71
N GLU A 73 -10.88 -1.31 3.03
CA GLU A 73 -12.09 -0.91 3.77
C GLU A 73 -12.22 0.62 3.77
N ALA A 74 -11.08 1.32 3.96
CA ALA A 74 -11.09 2.77 3.99
C ALA A 74 -11.41 3.35 2.60
N LEU A 75 -11.04 2.67 1.51
CA LEU A 75 -11.38 3.15 0.15
C LEU A 75 -12.88 3.00 -0.12
N VAL A 76 -13.53 2.02 0.54
CA VAL A 76 -14.97 1.88 0.44
C VAL A 76 -15.63 2.97 1.27
N SER A 77 -15.11 3.24 2.51
CA SER A 77 -15.68 4.24 3.42
CA SER A 77 -15.78 4.24 3.35
C SER A 77 -15.42 5.69 3.01
N HIS A 78 -14.36 5.91 2.20
CA HIS A 78 -13.96 7.22 1.69
C HIS A 78 -13.95 7.12 0.17
N PRO A 79 -15.14 7.05 -0.44
CA PRO A 79 -15.19 6.87 -1.91
C PRO A 79 -14.56 8.03 -2.69
N ASN A 80 -14.45 9.21 -2.05
CA ASN A 80 -13.78 10.37 -2.63
C ASN A 80 -12.29 10.10 -2.90
N VAL A 81 -11.67 9.13 -2.20
CA VAL A 81 -10.27 8.78 -2.43
C VAL A 81 -10.15 7.72 -3.55
N ASN A 82 -11.16 6.83 -3.68
CA ASN A 82 -11.18 5.76 -4.70
C ASN A 82 -11.86 6.34 -5.94
N ALA A 83 -11.21 7.33 -6.54
CA ALA A 83 -11.82 8.17 -7.54
C ALA A 83 -10.78 8.69 -8.54
N SER A 84 -11.28 9.23 -9.68
CA SER A 84 -10.43 9.81 -10.71
C SER A 84 -11.02 11.12 -11.17
N PHE A 85 -10.16 12.08 -11.54
CA PHE A 85 -10.61 13.38 -12.01
C PHE A 85 -10.39 13.51 -13.52
N ASN A 86 -11.44 13.95 -14.24
CA ASN A 86 -11.33 14.21 -15.68
C ASN A 86 -11.09 15.71 -15.75
N ALA A 87 -9.85 16.13 -15.99
CA ALA A 87 -9.52 17.55 -16.00
C ALA A 87 -10.16 18.30 -17.20
N LYS A 88 -10.60 17.58 -18.25
CA LYS A 88 -11.24 18.25 -19.39
C LYS A 88 -12.69 18.62 -19.05
N THR A 89 -13.43 17.66 -18.49
CA THR A 89 -14.84 17.91 -18.15
C THR A 89 -15.04 18.46 -16.74
N LYS A 90 -13.99 18.43 -15.89
CA LYS A 90 -14.08 18.84 -14.48
C LYS A 90 -15.07 17.90 -13.73
N GLU A 91 -15.11 16.61 -14.10
CA GLU A 91 -15.98 15.66 -13.44
C GLU A 91 -15.16 14.62 -12.69
N MET A 92 -15.64 14.24 -11.51
CA MET A 92 -15.00 13.20 -10.71
C MET A 92 -15.75 11.90 -10.87
N THR A 93 -15.05 10.78 -11.09
CA THR A 93 -15.69 9.46 -11.17
C THR A 93 -15.31 8.70 -9.88
N TYR A 94 -16.31 8.24 -9.14
CA TYR A 94 -16.08 7.52 -7.88
C TYR A 94 -16.28 6.03 -8.21
N HIS A 95 -15.19 5.26 -8.21
CA HIS A 95 -15.24 3.87 -8.66
C HIS A 95 -15.98 2.94 -7.73
N SER A 96 -16.78 2.02 -8.30
CA SER A 96 -17.53 1.08 -7.44
C SER A 96 -16.72 -0.16 -7.04
N SER A 97 -15.56 -0.39 -7.64
CA SER A 97 -14.65 -1.45 -7.22
C SER A 97 -13.37 -0.81 -6.69
N VAL A 98 -12.70 -1.55 -5.82
CA VAL A 98 -11.38 -1.17 -5.37
C VAL A 98 -10.46 -2.16 -6.08
N ASN A 99 -9.72 -1.68 -7.11
CA ASN A 99 -8.78 -2.56 -7.83
C ASN A 99 -7.42 -2.09 -7.31
N LEU A 100 -6.84 -2.86 -6.40
CA LEU A 100 -5.66 -2.43 -5.68
C LEU A 100 -4.36 -2.82 -6.33
N SER A 101 -3.62 -1.82 -6.83
CA SER A 101 -2.31 -2.07 -7.41
C SER A 101 -1.31 -2.37 -6.26
N ILE A 102 -0.40 -3.32 -6.49
CA ILE A 102 0.63 -3.67 -5.52
C ILE A 102 2.00 -3.55 -6.22
N ALA A 103 2.89 -2.70 -5.69
CA ALA A 103 4.22 -2.57 -6.26
C ALA A 103 5.03 -3.85 -5.98
N VAL A 104 5.71 -4.37 -7.01
CA VAL A 104 6.55 -5.56 -6.88
C VAL A 104 7.96 -5.28 -7.44
N ASP A 105 8.97 -5.38 -6.58
CA ASP A 105 10.36 -5.24 -6.97
C ASP A 105 10.74 -6.49 -7.75
N THR A 106 11.30 -6.35 -8.96
CA THR A 106 11.79 -7.51 -9.73
C THR A 106 13.17 -7.11 -10.28
N PRO A 107 14.00 -8.10 -10.63
CA PRO A 107 15.33 -7.77 -11.15
C PRO A 107 15.31 -6.95 -12.45
N ALA A 108 14.27 -7.16 -13.27
CA ALA A 108 14.13 -6.39 -14.51
C ALA A 108 13.54 -4.96 -14.29
N GLY A 109 13.00 -4.71 -13.11
CA GLY A 109 12.41 -3.42 -12.79
C GLY A 109 11.15 -3.54 -11.97
N LEU A 110 10.67 -2.42 -11.48
CA LEU A 110 9.46 -2.37 -10.68
C LEU A 110 8.22 -2.62 -11.56
N LEU A 111 7.34 -3.52 -11.13
CA LEU A 111 6.06 -3.78 -11.79
C LEU A 111 4.93 -3.47 -10.83
N THR A 112 3.77 -3.02 -11.31
CA THR A 112 2.66 -2.69 -10.42
CA THR A 112 2.63 -2.70 -10.44
C THR A 112 1.36 -3.44 -10.84
N PRO A 113 1.32 -4.76 -10.61
CA PRO A 113 0.11 -5.53 -10.95
C PRO A 113 -1.06 -5.20 -10.03
N VAL A 114 -2.27 -5.61 -10.42
CA VAL A 114 -3.52 -5.21 -9.78
C VAL A 114 -4.31 -6.37 -9.21
N ILE A 115 -4.82 -6.22 -7.97
CA ILE A 115 -5.76 -7.15 -7.35
C ILE A 115 -7.15 -6.56 -7.65
N HIS A 116 -7.84 -7.09 -8.68
CA HIS A 116 -9.15 -6.57 -9.03
C HIS A 116 -10.19 -6.93 -8.00
N ASP A 117 -11.14 -6.01 -7.75
CA ASP A 117 -12.21 -6.24 -6.78
C ASP A 117 -11.70 -6.72 -5.42
N ALA A 118 -10.65 -6.05 -4.95
CA ALA A 118 -10.02 -6.36 -3.67
C ALA A 118 -11.01 -6.21 -2.49
N GLN A 119 -12.07 -5.41 -2.65
CA GLN A 119 -13.05 -5.21 -1.59
C GLN A 119 -13.83 -6.49 -1.22
N ASP A 120 -13.83 -7.47 -2.13
CA ASP A 120 -14.51 -8.74 -1.86
C ASP A 120 -13.62 -9.80 -1.21
N LEU A 121 -12.31 -9.50 -1.01
CA LEU A 121 -11.36 -10.48 -0.52
C LEU A 121 -11.15 -10.50 0.99
N SER A 122 -10.98 -11.72 1.51
CA SER A 122 -10.62 -11.92 2.91
C SER A 122 -9.08 -11.77 3.04
N ILE A 123 -8.55 -11.70 4.28
CA ILE A 123 -7.11 -11.64 4.49
C ILE A 123 -6.39 -12.87 3.84
N PRO A 124 -6.88 -14.12 4.02
CA PRO A 124 -6.23 -15.26 3.32
C PRO A 124 -6.21 -15.11 1.79
N GLU A 125 -7.31 -14.61 1.21
CA GLU A 125 -7.39 -14.39 -0.24
C GLU A 125 -6.40 -13.32 -0.67
N ILE A 126 -6.28 -12.23 0.10
CA ILE A 126 -5.31 -11.18 -0.21
C ILE A 126 -3.88 -11.74 -0.15
N ALA A 127 -3.57 -12.53 0.89
CA ALA A 127 -2.22 -13.07 1.03
C ALA A 127 -1.83 -13.94 -0.18
N LYS A 128 -2.77 -14.76 -0.63
CA LYS A 128 -2.52 -15.64 -1.77
C LYS A 128 -2.38 -14.82 -3.07
N ALA A 129 -3.23 -13.79 -3.23
CA ALA A 129 -3.19 -12.97 -4.42
C ALA A 129 -1.88 -12.23 -4.53
N ILE A 130 -1.36 -11.68 -3.42
CA ILE A 130 -0.07 -10.99 -3.45
C ILE A 130 1.05 -11.95 -3.86
N VAL A 131 1.08 -13.15 -3.26
CA VAL A 131 2.09 -14.14 -3.60
C VAL A 131 2.01 -14.52 -5.10
N ASP A 132 0.78 -14.71 -5.62
CA ASP A 132 0.58 -15.03 -7.03
C ASP A 132 1.11 -13.91 -7.96
N LEU A 133 0.67 -12.67 -7.72
CA LEU A 133 1.07 -11.57 -8.58
C LEU A 133 2.58 -11.31 -8.50
N ALA A 134 3.19 -11.42 -7.30
CA ALA A 134 4.63 -11.19 -7.20
C ALA A 134 5.41 -12.28 -7.97
N ASP A 135 4.95 -13.54 -7.87
CA ASP A 135 5.62 -14.63 -8.58
C ASP A 135 5.48 -14.41 -10.09
N ARG A 136 4.26 -14.09 -10.57
CA ARG A 136 4.06 -13.87 -12.02
C ARG A 136 4.80 -12.62 -12.55
N SER A 137 4.93 -11.58 -11.71
CA SER A 137 5.70 -10.39 -12.09
C SER A 137 7.19 -10.76 -12.27
N ARG A 138 7.70 -11.59 -11.37
CA ARG A 138 9.11 -11.98 -11.41
C ARG A 138 9.43 -13.04 -12.45
N ASN A 139 8.41 -13.72 -13.00
CA ASN A 139 8.65 -14.79 -13.97
C ASN A 139 7.98 -14.57 -15.33
N ASN A 140 7.75 -13.30 -15.70
CA ASN A 140 7.18 -12.94 -17.01
C ASN A 140 5.83 -13.60 -17.34
N LYS A 141 4.92 -13.69 -16.36
CA LYS A 141 3.63 -14.35 -16.62
C LYS A 141 2.41 -13.42 -16.40
N LEU A 142 2.62 -12.10 -16.37
CA LEU A 142 1.50 -11.17 -16.26
C LEU A 142 0.84 -10.98 -17.64
N LYS A 143 -0.49 -10.74 -17.65
CA LYS A 143 -1.31 -10.43 -18.83
C LYS A 143 -1.71 -8.93 -18.78
N PRO A 144 -2.18 -8.30 -19.88
CA PRO A 144 -2.51 -6.85 -19.79
C PRO A 144 -3.56 -6.49 -18.73
N ASN A 145 -4.56 -7.34 -18.49
CA ASN A 145 -5.56 -7.04 -17.46
C ASN A 145 -4.94 -7.03 -16.06
N ASP A 146 -3.82 -7.75 -15.83
CA ASP A 146 -3.15 -7.72 -14.53
C ASP A 146 -2.45 -6.38 -14.29
N LEU A 147 -2.21 -5.57 -15.32
CA LEU A 147 -1.47 -4.33 -15.19
C LEU A 147 -2.27 -3.07 -15.46
N SER A 148 -3.60 -3.19 -15.57
CA SER A 148 -4.45 -2.05 -15.86
C SER A 148 -5.69 -2.07 -14.97
N GLY A 149 -6.35 -0.93 -14.85
CA GLY A 149 -7.59 -0.83 -14.11
C GLY A 149 -7.45 -0.52 -12.62
N GLY A 150 -6.23 -0.28 -12.13
CA GLY A 150 -6.05 0.03 -10.71
C GLY A 150 -6.74 1.32 -10.30
N THR A 151 -7.28 1.35 -9.07
CA THR A 151 -7.93 2.56 -8.55
C THR A 151 -7.14 3.23 -7.39
N PHE A 152 -6.12 2.54 -6.87
CA PHE A 152 -5.27 3.00 -5.77
C PHE A 152 -4.08 2.04 -5.72
N THR A 153 -2.94 2.45 -5.13
CA THR A 153 -1.79 1.57 -5.04
C THR A 153 -1.21 1.53 -3.63
N ILE A 154 -0.67 0.36 -3.26
CA ILE A 154 0.09 0.18 -2.02
CA ILE A 154 0.06 0.24 -2.03
C ILE A 154 1.48 -0.23 -2.43
N THR A 155 2.52 0.49 -1.93
CA THR A 155 3.90 0.17 -2.24
C THR A 155 4.68 -0.10 -0.95
N ASN A 156 5.28 -1.27 -0.85
CA ASN A 156 5.99 -1.64 0.35
C ASN A 156 7.39 -1.04 0.37
N ILE A 157 7.47 0.24 0.71
CA ILE A 157 8.77 0.91 0.80
C ILE A 157 9.65 0.32 1.92
N GLY A 158 9.04 -0.32 2.92
CA GLY A 158 9.81 -0.89 4.02
C GLY A 158 10.58 -2.16 3.67
N SER A 159 10.28 -2.77 2.51
CA SER A 159 10.98 -4.01 2.12
C SER A 159 12.48 -3.87 2.09
N GLU A 160 12.97 -2.71 1.63
CA GLU A 160 14.40 -2.45 1.55
C GLU A 160 14.90 -1.45 2.61
N GLY A 161 14.11 -1.27 3.68
CA GLY A 161 14.53 -0.58 4.89
C GLY A 161 14.08 0.84 5.09
N ALA A 162 13.43 1.44 4.11
CA ALA A 162 13.04 2.84 4.24
C ALA A 162 12.01 3.07 5.31
N LEU A 163 12.14 4.20 6.03
CA LEU A 163 11.10 4.62 6.95
C LEU A 163 9.95 5.27 6.19
N SER A 164 10.27 6.02 5.14
CA SER A 164 9.25 6.73 4.38
CA SER A 164 9.26 6.74 4.39
C SER A 164 9.79 7.05 2.98
N ASP A 165 8.93 7.58 2.12
CA ASP A 165 9.26 7.99 0.75
C ASP A 165 8.15 8.95 0.33
N THR A 166 8.25 9.51 -0.89
CA THR A 166 7.18 10.34 -1.47
C THR A 166 6.79 9.66 -2.78
N PRO A 167 6.11 8.49 -2.70
CA PRO A 167 5.85 7.71 -3.91
C PRO A 167 5.14 8.50 -4.99
N ILE A 168 5.43 8.15 -6.26
CA ILE A 168 4.78 8.85 -7.36
C ILE A 168 3.48 8.13 -7.72
N LEU A 169 2.35 8.87 -7.67
CA LEU A 169 1.11 8.28 -8.12
C LEU A 169 1.01 8.40 -9.61
N VAL A 170 0.22 7.49 -10.20
CA VAL A 170 0.06 7.49 -11.63
C VAL A 170 -1.41 7.69 -11.99
N PRO A 171 -1.76 8.90 -12.47
CA PRO A 171 -3.14 9.14 -12.94
C PRO A 171 -3.56 8.04 -13.94
N PRO A 172 -4.81 7.56 -13.87
CA PRO A 172 -5.96 8.18 -13.20
C PRO A 172 -6.14 7.88 -11.74
N GLN A 173 -5.19 7.15 -11.10
CA GLN A 173 -5.30 6.95 -9.65
C GLN A 173 -5.13 8.29 -8.92
N ALA A 174 -5.70 8.37 -7.70
CA ALA A 174 -5.61 9.58 -6.89
C ALA A 174 -4.72 9.43 -5.64
N GLY A 175 -4.34 8.21 -5.30
CA GLY A 175 -3.50 7.96 -4.13
C GLY A 175 -2.61 6.76 -4.26
N ILE A 176 -1.47 6.82 -3.57
CA ILE A 176 -0.54 5.71 -3.45
C ILE A 176 -0.03 5.76 -2.02
N LEU A 177 -0.20 4.66 -1.30
CA LEU A 177 0.22 4.59 0.09
CA LEU A 177 0.22 4.59 0.09
C LEU A 177 1.46 3.72 0.23
N GLY A 178 2.46 4.24 0.92
CA GLY A 178 3.66 3.46 1.20
C GLY A 178 3.57 2.86 2.59
N THR A 179 4.02 1.61 2.74
CA THR A 179 4.10 0.99 4.06
C THR A 179 5.55 1.01 4.45
N GLY A 180 5.93 1.95 5.33
CA GLY A 180 7.31 2.05 5.76
C GLY A 180 7.78 0.83 6.53
N ALA A 181 9.09 0.82 6.87
CA ALA A 181 9.61 -0.29 7.69
C ALA A 181 8.98 -0.21 9.09
N ILE A 182 8.45 -1.33 9.58
CA ILE A 182 7.88 -1.38 10.94
C ILE A 182 9.06 -1.63 11.88
N VAL A 183 9.30 -0.69 12.83
CA VAL A 183 10.47 -0.65 13.69
CA VAL A 183 10.44 -0.86 13.72
C VAL A 183 10.03 -0.53 15.15
N LYS A 184 10.69 -1.24 16.10
CA LYS A 184 10.40 -1.00 17.51
C LYS A 184 10.97 0.39 17.86
N ARG A 185 10.14 1.21 18.53
CA ARG A 185 10.51 2.57 18.96
C ARG A 185 9.99 2.83 20.36
N PRO A 186 10.66 3.73 21.11
CA PRO A 186 10.10 4.15 22.40
C PRO A 186 9.03 5.20 22.09
N VAL A 187 7.83 5.04 22.66
CA VAL A 187 6.73 5.97 22.43
C VAL A 187 6.07 6.31 23.77
N VAL A 188 5.35 7.44 23.82
CA VAL A 188 4.64 7.82 25.04
C VAL A 188 3.22 7.30 25.03
N ILE A 189 2.84 6.66 26.12
CA ILE A 189 1.49 6.20 26.41
C ILE A 189 0.93 7.18 27.46
N THR A 190 -0.36 7.54 27.34
CA THR A 190 -1.00 8.41 28.34
C THR A 190 -2.29 7.71 28.73
N GLU A 191 -2.41 7.37 30.00
CA GLU A 191 -3.59 6.68 30.51
C GLU A 191 -3.74 7.03 31.97
N ASP A 192 -4.97 7.35 32.44
CA ASP A 192 -5.19 7.69 33.87
C ASP A 192 -4.42 8.95 34.31
N GLY A 193 -4.12 9.84 33.38
CA GLY A 193 -3.35 11.03 33.69
C GLY A 193 -1.87 10.79 33.88
N ILE A 194 -1.37 9.59 33.55
CA ILE A 194 0.07 9.30 33.67
C ILE A 194 0.69 9.17 32.29
N ASP A 195 1.81 9.86 32.06
CA ASP A 195 2.56 9.72 30.80
C ASP A 195 3.71 8.76 31.08
N SER A 196 3.93 7.79 30.17
CA SER A 196 4.97 6.79 30.38
C SER A 196 5.56 6.34 29.04
N ILE A 197 6.73 5.65 29.07
CA ILE A 197 7.43 5.29 27.84
C ILE A 197 7.36 3.80 27.62
N ALA A 198 6.77 3.39 26.49
CA ALA A 198 6.64 1.98 26.14
C ALA A 198 7.42 1.66 24.85
N ILE A 199 7.77 0.39 24.64
CA ILE A 199 8.39 -0.04 23.40
C ILE A 199 7.26 -0.57 22.52
N ARG A 200 7.07 0.06 21.34
CA ARG A 200 5.98 -0.36 20.45
C ARG A 200 6.50 -0.51 19.02
N GLN A 201 5.85 -1.38 18.23
CA GLN A 201 6.20 -1.58 16.81
CA GLN A 201 6.25 -1.54 16.83
C GLN A 201 5.53 -0.45 16.03
N MET A 202 6.30 0.54 15.57
CA MET A 202 5.72 1.70 14.91
C MET A 202 6.00 1.71 13.41
N VAL A 203 5.06 2.29 12.64
CA VAL A 203 5.30 2.43 11.20
C VAL A 203 4.87 3.82 10.74
N PHE A 204 5.56 4.34 9.73
CA PHE A 204 5.11 5.55 9.08
C PHE A 204 4.41 5.14 7.80
N LEU A 205 3.26 5.77 7.56
CA LEU A 205 2.48 5.56 6.36
C LEU A 205 2.42 6.85 5.57
N PRO A 206 3.32 7.03 4.59
CA PRO A 206 3.23 8.19 3.71
C PRO A 206 2.17 7.94 2.62
N LEU A 207 1.24 8.87 2.46
CA LEU A 207 0.25 8.79 1.39
C LEU A 207 0.54 9.91 0.41
N THR A 208 0.90 9.56 -0.85
CA THR A 208 0.94 10.60 -1.87
C THR A 208 -0.48 10.68 -2.45
N TYR A 209 -1.06 11.87 -2.46
CA TYR A 209 -2.39 12.07 -3.02
C TYR A 209 -2.35 13.20 -4.04
N ASP A 210 -3.30 13.16 -4.97
CA ASP A 210 -3.41 14.20 -5.99
C ASP A 210 -4.33 15.29 -5.43
N HIS A 211 -3.82 16.52 -5.24
CA HIS A 211 -4.63 17.61 -4.73
C HIS A 211 -5.82 17.97 -5.66
N GLN A 212 -5.82 17.49 -6.92
CA GLN A 212 -7.00 17.69 -7.78
C GLN A 212 -8.20 16.90 -7.19
N VAL A 213 -7.93 15.76 -6.52
CA VAL A 213 -8.98 14.85 -6.05
C VAL A 213 -9.24 14.92 -4.54
N VAL A 214 -8.16 15.06 -3.75
CA VAL A 214 -8.18 14.93 -2.30
C VAL A 214 -7.53 16.16 -1.70
N ASP A 215 -8.21 16.83 -0.75
CA ASP A 215 -7.55 17.94 -0.03
C ASP A 215 -6.85 17.35 1.21
N GLY A 216 -5.97 18.11 1.84
CA GLY A 216 -5.20 17.60 2.97
C GLY A 216 -6.01 17.04 4.12
N ALA A 217 -7.14 17.70 4.46
CA ALA A 217 -7.93 17.19 5.57
C ALA A 217 -8.65 15.91 5.19
N ASP A 218 -9.01 15.74 3.88
CA ASP A 218 -9.60 14.48 3.41
C ASP A 218 -8.57 13.37 3.52
N ALA A 219 -7.30 13.68 3.17
CA ALA A 219 -6.24 12.66 3.27
C ALA A 219 -6.07 12.23 4.76
N GLY A 220 -6.12 13.22 5.66
CA GLY A 220 -5.98 12.94 7.07
C GLY A 220 -7.11 12.09 7.61
N ARG A 221 -8.37 12.40 7.20
CA ARG A 221 -9.51 11.59 7.65
C ARG A 221 -9.38 10.16 7.13
N PHE A 222 -8.93 10.00 5.86
CA PHE A 222 -8.74 8.67 5.30
C PHE A 222 -7.64 7.88 6.05
N LEU A 223 -6.51 8.52 6.28
CA LEU A 223 -5.44 7.87 7.02
C LEU A 223 -5.84 7.60 8.46
N THR A 224 -6.71 8.44 9.06
CA THR A 224 -7.15 8.18 10.43
C THR A 224 -8.00 6.92 10.49
N THR A 225 -8.85 6.69 9.48
CA THR A 225 -9.66 5.47 9.44
C THR A 225 -8.75 4.23 9.39
N ILE A 226 -7.68 4.30 8.56
CA ILE A 226 -6.75 3.18 8.44
C ILE A 226 -5.97 2.97 9.75
N LYS A 227 -5.49 4.08 10.33
CA LYS A 227 -4.73 4.02 11.59
C LYS A 227 -5.55 3.39 12.71
N ASP A 228 -6.81 3.83 12.86
CA ASP A 228 -7.65 3.30 13.95
C ASP A 228 -7.92 1.82 13.75
N ARG A 229 -8.17 1.38 12.51
CA ARG A 229 -8.42 -0.03 12.23
C ARG A 229 -7.19 -0.87 12.58
N LEU A 230 -6.00 -0.39 12.17
CA LEU A 230 -4.78 -1.15 12.44
C LEU A 230 -4.42 -1.18 13.92
N GLU A 231 -4.59 -0.04 14.61
CA GLU A 231 -4.21 0.03 16.03
C GLU A 231 -5.14 -0.81 16.89
N THR A 232 -6.44 -0.84 16.57
CA THR A 232 -7.38 -1.69 17.33
C THR A 232 -7.06 -3.17 17.06
N ALA A 233 -6.68 -3.49 15.80
CA ALA A 233 -6.24 -4.82 15.38
C ALA A 233 -7.24 -5.94 15.63
N ASN A 234 -8.53 -5.65 15.36
CA ASN A 234 -9.55 -6.70 15.50
C ASN A 234 -9.59 -7.53 14.21
N PHE A 235 -8.55 -8.35 14.00
CA PHE A 235 -8.42 -9.15 12.78
C PHE A 235 -8.44 -10.66 13.03
N GLU A 236 -8.60 -11.12 14.27
CA GLU A 236 -8.61 -12.54 14.59
CA GLU A 236 -8.60 -12.55 14.59
C GLU A 236 -9.57 -13.35 13.71
N GLY A 237 -10.82 -12.88 13.63
CA GLY A 237 -11.84 -13.52 12.83
C GLY A 237 -11.50 -13.51 11.36
N ASP A 238 -10.95 -12.36 10.89
CA ASP A 238 -10.56 -12.12 9.51
C ASP A 238 -9.48 -13.14 9.01
N LEU A 239 -8.68 -13.71 9.93
CA LEU A 239 -7.64 -14.67 9.53
C LEU A 239 -8.20 -16.04 9.15
N GLN A 240 -9.44 -16.35 9.61
CA GLN A 240 -10.14 -17.62 9.38
C GLN A 240 -9.26 -18.82 9.76
N LEU A 241 -8.79 -18.84 11.02
CA LEU A 241 -7.95 -19.92 11.53
C LEU A 241 -8.68 -20.73 12.63
N1A CAO B . 8.10 -3.70 7.81
C2A CAO B . 8.50 -4.78 8.50
N3A CAO B . 8.65 -6.03 8.07
C4A CAO B . 8.35 -6.14 6.77
C5A CAO B . 7.94 -5.13 5.93
C6A CAO B . 7.78 -3.85 6.50
N6A CAO B . 7.31 -2.79 5.82
N7A CAO B . 7.77 -5.59 4.63
C8A CAO B . 8.06 -6.87 4.73
N9A CAO B . 8.39 -7.28 5.99
C1B CAO B . 8.66 -8.65 6.40
C2B CAO B . 7.49 -9.60 6.17
O2B CAO B . 6.51 -9.52 7.19
C3B CAO B . 8.22 -10.94 6.14
O3B CAO B . 8.59 -11.25 7.51
P3B CAO B . 8.85 -12.72 8.09
O7A CAO B . 9.83 -13.40 7.22
O8A CAO B . 9.29 -12.52 9.56
O9A CAO B . 7.46 -13.39 8.06
C4B CAO B . 9.53 -10.58 5.42
O4B CAO B . 9.71 -9.15 5.59
C5B CAO B . 9.54 -10.93 3.95
O5B CAO B . 8.29 -10.47 3.38
P1A CAO B . 8.05 -10.65 1.78
O1A CAO B . 8.94 -9.78 0.96
O2A CAO B . 8.17 -12.17 1.47
O3A CAO B . 6.52 -10.25 1.61
P2A CAO B . 5.62 -8.94 1.70
O4A CAO B . 4.18 -9.39 1.66
O5A CAO B . 6.04 -8.07 2.85
O6A CAO B . 5.97 -8.07 0.36
CBP CAO B . 6.17 -7.71 -2.03
CCP CAO B . 5.70 -8.65 -0.93
CDP CAO B . 5.86 -8.36 -3.40
CEP CAO B . 5.39 -6.40 -1.91
CAP CAO B . 7.68 -7.42 -1.90
OAP CAO B . 8.48 -8.55 -2.16
C9P CAO B . 8.19 -6.24 -2.72
O9P CAO B . 8.41 -6.36 -3.93
N8P CAO B . 8.42 -5.10 -2.06
C7P CAO B . 9.06 -3.95 -2.68
C6P CAO B . 8.05 -3.03 -3.35
C5P CAO B . 8.74 -1.93 -4.12
O5P CAO B . 9.75 -2.13 -4.82
N4P CAO B . 8.19 -0.72 -4.01
C3P CAO B . 8.72 0.44 -4.73
C2P CAO B . 8.99 1.57 -3.75
S1P CAO B . 10.35 1.20 -2.52
O1P CAO B . 10.63 -0.43 -2.33
N1 EPE C . -11.99 2.12 -13.40
C2 EPE C . -10.69 2.64 -12.92
C3 EPE C . -9.52 2.10 -13.75
N4 EPE C . -9.65 2.45 -15.19
C5 EPE C . -11.00 2.95 -15.50
C6 EPE C . -12.06 2.06 -14.87
C7 EPE C . -8.60 3.39 -15.63
C8 EPE C . -8.15 3.14 -17.06
O8 EPE C . -7.10 4.02 -17.46
C9 EPE C . -12.38 0.86 -12.74
C10 EPE C . -13.85 0.58 -12.97
S EPE C . -14.48 -0.52 -11.81
O1S EPE C . -13.61 -1.68 -11.83
O2S EPE C . -14.48 0.18 -10.54
O3S EPE C . -15.83 -0.84 -12.28
#